data_2A5P
#
_entry.id   2A5P
#
_cell.length_a   1.000
_cell.length_b   1.000
_cell.length_c   1.000
_cell.angle_alpha   90.00
_cell.angle_beta   90.00
_cell.angle_gamma   90.00
#
_symmetry.space_group_name_H-M   'P 1'
#
_entity_poly.entity_id   1
_entity_poly.type   'polydeoxyribonucleotide'
_entity_poly.pdbx_seq_one_letter_code
;(DT)(DG)(DA)(DG)(DG)(DG)(DT)(DG)(DG)(DI)(DG)(DA)(DG)(DG)(DG)(DT)(DG)(DG)(DG)(DG)
(DA)(DA)(DG)(DG)
;
_entity_poly.pdbx_strand_id   A
#